data_3OG9
#
_entry.id   3OG9
#
_cell.length_a   40.640
_cell.length_b   79.070
_cell.length_c   130.030
_cell.angle_alpha   90.00
_cell.angle_beta   90.00
_cell.angle_gamma   90.00
#
_symmetry.space_group_name_H-M   'P 21 21 21'
#
loop_
_entity.id
_entity.type
_entity.pdbx_description
1 polymer 'protein yahD a copper inducible hydrolase'
2 non-polymer D-MALATE
3 water water
#
_entity_poly.entity_id   1
_entity_poly.type   'polypeptide(L)'
_entity_poly.pdbx_seq_one_letter_code
;AGHMTDYVFKAGRKDLAPLLLLHSTGGDEHQLVEIAEMIAPSHPILSIRGRINEQGVNRYFKLRGLGGFTKENFDLESLD
EETDWLTDEVSLLAEKHDLDVHKMIAIGYSNGANVALNMFLRGKINFDKIIAFHGMQLEDFEQTVQLDDKHVFLSYAPND
MIVPQKNFGDLKGDLEDSGCQLEIYESSLGHQLTQEEVLAAKKWLTETK
;
_entity_poly.pdbx_strand_id   A,B
#
loop_
_chem_comp.id
_chem_comp.type
_chem_comp.name
_chem_comp.formula
MLT non-polymer D-MALATE 'C4 H6 O5'
#
# COMPACT_ATOMS: atom_id res chain seq x y z
N MET A 4 -11.51 21.32 14.15
CA MET A 4 -11.38 20.14 15.07
C MET A 4 -12.31 19.01 14.63
N THR A 5 -11.70 17.96 14.09
CA THR A 5 -12.45 16.87 13.47
C THR A 5 -13.44 16.25 14.43
N ASP A 6 -14.69 16.19 13.97
CA ASP A 6 -15.73 15.46 14.67
C ASP A 6 -15.71 14.00 14.24
N TYR A 7 -15.38 13.12 15.17
CA TYR A 7 -15.29 11.67 14.86
C TYR A 7 -15.58 10.80 16.07
N VAL A 8 -15.99 9.55 15.84
CA VAL A 8 -16.05 8.51 16.89
C VAL A 8 -15.04 7.42 16.59
N PHE A 9 -14.31 6.97 17.60
CA PHE A 9 -13.55 5.72 17.48
C PHE A 9 -14.01 4.73 18.57
N LYS A 10 -14.30 3.49 18.19
CA LYS A 10 -14.67 2.46 19.16
C LYS A 10 -13.80 1.25 18.90
N ALA A 11 -12.97 0.91 19.90
CA ALA A 11 -11.83 0.02 19.70
C ALA A 11 -12.14 -1.41 19.14
N GLY A 12 -13.24 -2.00 19.56
CA GLY A 12 -13.56 -3.39 19.17
C GLY A 12 -12.45 -4.39 19.48
N ARG A 13 -12.32 -5.41 18.66
CA ARG A 13 -11.17 -6.32 18.77
C ARG A 13 -10.10 -5.87 17.82
N LYS A 14 -8.92 -5.55 18.38
CA LYS A 14 -7.83 -4.92 17.61
C LYS A 14 -7.34 -5.67 16.35
N ASP A 15 -7.47 -7.00 16.30
CA ASP A 15 -6.93 -7.77 15.16
C ASP A 15 -7.89 -7.83 13.96
N LEU A 16 -9.12 -7.38 14.17
CA LEU A 16 -10.14 -7.41 13.12
C LEU A 16 -10.08 -6.16 12.26
N ALA A 17 -10.49 -6.30 11.00
N ALA A 17 -10.49 -6.28 11.00
CA ALA A 17 -10.49 -5.20 10.02
CA ALA A 17 -10.48 -5.18 10.03
C ALA A 17 -11.32 -4.01 10.48
C ALA A 17 -11.31 -3.99 10.51
N PRO A 18 -10.77 -2.79 10.32
N PRO A 18 -10.76 -2.79 10.36
CA PRO A 18 -11.46 -1.63 10.80
CA PRO A 18 -11.47 -1.61 10.84
C PRO A 18 -12.59 -1.23 9.84
C PRO A 18 -12.54 -1.18 9.85
N LEU A 19 -13.62 -0.62 10.39
CA LEU A 19 -14.73 -0.08 9.59
C LEU A 19 -14.62 1.41 9.55
N LEU A 20 -14.73 2.01 8.35
CA LEU A 20 -14.85 3.50 8.25
C LEU A 20 -16.31 3.83 7.94
N LEU A 21 -17.00 4.56 8.81
CA LEU A 21 -18.41 4.86 8.59
C LEU A 21 -18.59 6.27 8.06
N LEU A 22 -19.45 6.40 7.06
N LEU A 22 -19.44 6.41 7.04
CA LEU A 22 -19.71 7.69 6.44
CA LEU A 22 -19.69 7.69 6.37
C LEU A 22 -21.21 7.86 6.37
C LEU A 22 -21.20 7.94 6.22
N HIS A 23 -21.68 8.95 6.96
CA HIS A 23 -23.13 9.24 7.14
C HIS A 23 -23.82 9.82 5.90
N SER A 24 -25.17 9.82 5.91
CA SER A 24 -25.94 10.43 4.84
C SER A 24 -26.06 11.93 5.07
N THR A 25 -26.70 12.63 4.13
CA THR A 25 -26.96 14.06 4.31
C THR A 25 -27.79 14.24 5.55
N GLY A 26 -27.34 15.14 6.40
CA GLY A 26 -28.03 15.45 7.64
C GLY A 26 -27.66 14.49 8.76
N GLY A 27 -26.87 13.46 8.47
CA GLY A 27 -26.41 12.55 9.50
C GLY A 27 -25.23 13.11 10.25
N ASP A 28 -24.68 12.32 11.16
CA ASP A 28 -23.46 12.70 11.84
C ASP A 28 -22.61 11.46 12.15
N GLU A 29 -21.53 11.65 12.89
CA GLU A 29 -20.59 10.57 13.19
C GLU A 29 -21.20 9.39 13.98
N HIS A 30 -22.34 9.62 14.65
CA HIS A 30 -23.02 8.55 15.39
C HIS A 30 -24.08 7.77 14.60
N GLN A 31 -24.49 8.29 13.45
CA GLN A 31 -25.62 7.75 12.70
C GLN A 31 -25.49 6.23 12.47
N LEU A 32 -24.32 5.79 12.02
CA LEU A 32 -24.19 4.41 11.49
C LEU A 32 -23.61 3.43 12.48
N VAL A 33 -23.31 3.90 13.69
CA VAL A 33 -22.59 3.10 14.65
C VAL A 33 -23.26 1.77 15.01
N GLU A 34 -24.55 1.79 15.38
CA GLU A 34 -25.27 0.55 15.68
C GLU A 34 -25.47 -0.31 14.46
N ILE A 35 -25.64 0.31 13.30
CA ILE A 35 -25.75 -0.44 12.05
C ILE A 35 -24.43 -1.22 11.78
N ALA A 36 -23.31 -0.52 11.89
CA ALA A 36 -21.99 -1.18 11.66
C ALA A 36 -21.77 -2.32 12.65
N GLU A 37 -22.18 -2.12 13.90
CA GLU A 37 -22.11 -3.15 14.92
C GLU A 37 -22.93 -4.41 14.55
N MET A 38 -24.02 -4.26 13.83
N MET A 38 -24.04 -4.23 13.84
CA MET A 38 -24.80 -5.41 13.33
CA MET A 38 -24.82 -5.35 13.28
C MET A 38 -24.14 -6.08 12.10
C MET A 38 -24.06 -6.06 12.16
N ILE A 39 -23.56 -5.27 11.22
CA ILE A 39 -22.94 -5.77 10.01
C ILE A 39 -21.63 -6.53 10.28
N ALA A 40 -20.80 -5.95 11.14
CA ALA A 40 -19.47 -6.49 11.41
C ALA A 40 -19.21 -6.50 12.91
N PRO A 41 -19.87 -7.43 13.65
CA PRO A 41 -19.73 -7.44 15.10
C PRO A 41 -18.27 -7.54 15.53
N SER A 42 -17.88 -6.76 16.54
CA SER A 42 -16.54 -6.79 17.15
C SER A 42 -15.45 -6.01 16.39
N HIS A 43 -15.75 -5.52 15.18
CA HIS A 43 -14.72 -4.83 14.40
C HIS A 43 -14.55 -3.41 14.95
N PRO A 44 -13.29 -2.92 15.00
CA PRO A 44 -13.06 -1.53 15.41
C PRO A 44 -13.85 -0.59 14.47
N ILE A 45 -14.24 0.56 14.99
CA ILE A 45 -15.07 1.47 14.20
C ILE A 45 -14.42 2.84 14.21
N LEU A 46 -14.22 3.41 13.02
CA LEU A 46 -13.84 4.80 12.86
C LEU A 46 -14.94 5.51 12.07
N SER A 47 -15.53 6.56 12.64
CA SER A 47 -16.65 7.25 11.98
C SER A 47 -16.36 8.73 11.96
N ILE A 48 -16.26 9.33 10.77
CA ILE A 48 -15.83 10.73 10.63
C ILE A 48 -16.95 11.60 10.02
N ARG A 49 -17.29 12.71 10.68
CA ARG A 49 -18.33 13.63 10.20
C ARG A 49 -17.84 14.44 8.99
N GLY A 50 -18.71 14.66 8.03
CA GLY A 50 -18.42 15.55 6.91
C GLY A 50 -18.20 16.97 7.43
N ARG A 51 -17.41 17.75 6.69
CA ARG A 51 -17.04 19.11 7.12
C ARG A 51 -18.01 20.19 6.64
N ILE A 52 -18.91 19.84 5.71
CA ILE A 52 -19.91 20.77 5.16
C ILE A 52 -21.18 20.84 6.01
N ASN A 53 -21.64 22.07 6.29
N ASN A 53 -21.59 22.06 6.39
CA ASN A 53 -22.75 22.28 7.22
CA ASN A 53 -22.83 22.22 7.15
C ASN A 53 -23.76 23.36 6.78
C ASN A 53 -23.61 23.48 6.77
N GLU A 54 -23.86 23.63 5.48
CA GLU A 54 -24.71 24.70 4.94
C GLU A 54 -26.11 24.51 5.46
N GLN A 55 -26.57 25.54 6.18
CA GLN A 55 -27.86 25.57 6.89
C GLN A 55 -28.03 24.45 7.92
N GLY A 56 -26.95 24.11 8.61
CA GLY A 56 -26.98 23.08 9.65
C GLY A 56 -27.24 21.64 9.16
N VAL A 57 -27.16 21.38 7.86
CA VAL A 57 -27.24 20.01 7.31
C VAL A 57 -25.84 19.42 7.07
N ASN A 58 -25.43 18.41 7.84
CA ASN A 58 -24.09 17.83 7.66
C ASN A 58 -23.99 17.13 6.31
N ARG A 59 -22.88 17.34 5.61
CA ARG A 59 -22.60 16.71 4.29
C ARG A 59 -21.10 16.58 4.09
N TYR A 60 -20.69 15.74 3.14
CA TYR A 60 -19.26 15.62 2.81
C TYR A 60 -18.74 16.57 1.77
N PHE A 61 -19.63 17.16 0.96
CA PHE A 61 -19.19 18.10 -0.09
C PHE A 61 -20.39 18.95 -0.50
N LYS A 62 -20.12 20.09 -1.13
CA LYS A 62 -21.17 21.08 -1.40
C LYS A 62 -22.03 20.70 -2.59
N LEU A 63 -23.27 21.19 -2.58
CA LEU A 63 -24.19 21.15 -3.71
C LEU A 63 -24.12 22.50 -4.39
N ARG A 64 -24.77 22.59 -5.56
CA ARG A 64 -24.72 23.82 -6.37
C ARG A 64 -25.84 24.91 -6.19
N GLY A 65 -26.82 24.82 -5.29
CA GLY A 65 -28.21 24.43 -5.44
C GLY A 65 -29.05 24.54 -6.69
N LEU A 66 -28.94 23.43 -7.38
CA LEU A 66 -29.70 23.06 -8.53
C LEU A 66 -30.36 21.75 -8.06
N GLY A 67 -31.18 21.84 -7.00
CA GLY A 67 -31.92 20.67 -6.46
C GLY A 67 -32.83 19.93 -7.44
N GLY A 68 -33.17 20.54 -8.56
CA GLY A 68 -33.87 19.82 -9.64
C GLY A 68 -33.00 18.83 -10.45
N PHE A 69 -31.68 18.82 -10.18
CA PHE A 69 -30.71 18.08 -10.97
C PHE A 69 -29.99 17.04 -10.10
N THR A 70 -29.40 16.06 -10.75
CA THR A 70 -28.59 15.03 -10.10
C THR A 70 -27.11 15.43 -10.22
N LYS A 71 -26.36 14.97 -11.23
CA LYS A 71 -24.91 15.25 -11.27
C LYS A 71 -24.55 16.73 -11.39
N GLU A 72 -25.40 17.52 -12.07
CA GLU A 72 -25.18 18.96 -12.20
C GLU A 72 -25.22 19.69 -10.85
N ASN A 73 -25.84 19.10 -9.84
CA ASN A 73 -25.86 19.72 -8.52
C ASN A 73 -24.65 19.42 -7.64
N PHE A 74 -23.74 18.56 -8.09
CA PHE A 74 -22.60 18.18 -7.25
C PHE A 74 -21.43 19.11 -7.56
N ASP A 75 -20.97 19.82 -6.55
CA ASP A 75 -19.78 20.70 -6.70
C ASP A 75 -18.48 19.86 -6.71
N LEU A 76 -17.97 19.62 -7.91
CA LEU A 76 -16.83 18.74 -8.10
C LEU A 76 -15.53 19.32 -7.54
N GLU A 77 -15.39 20.64 -7.52
CA GLU A 77 -14.23 21.22 -6.84
C GLU A 77 -14.27 20.92 -5.34
N SER A 78 -15.44 21.08 -4.73
CA SER A 78 -15.63 20.75 -3.33
C SER A 78 -15.40 19.27 -3.11
N LEU A 79 -15.98 18.43 -3.96
CA LEU A 79 -15.81 16.99 -3.86
C LEU A 79 -14.33 16.66 -3.85
N ASP A 80 -13.59 17.29 -4.75
CA ASP A 80 -12.15 16.99 -4.84
C ASP A 80 -11.41 17.46 -3.58
N GLU A 81 -11.71 18.67 -3.11
CA GLU A 81 -11.04 19.21 -1.92
C GLU A 81 -11.34 18.36 -0.66
N GLU A 82 -12.62 17.99 -0.49
CA GLU A 82 -13.03 17.30 0.75
C GLU A 82 -12.56 15.86 0.74
N THR A 83 -12.50 15.25 -0.44
CA THR A 83 -11.94 13.89 -0.50
C THR A 83 -10.41 13.86 -0.27
N ASP A 84 -9.69 14.90 -0.64
CA ASP A 84 -8.27 15.02 -0.27
C ASP A 84 -8.16 15.14 1.23
N TRP A 85 -9.03 15.96 1.81
CA TRP A 85 -9.04 16.15 3.26
C TRP A 85 -9.38 14.84 3.98
N LEU A 86 -10.43 14.15 3.51
CA LEU A 86 -10.87 12.93 4.15
C LEU A 86 -9.83 11.80 4.05
N THR A 87 -9.21 11.64 2.89
N THR A 87 -9.17 11.64 2.90
CA THR A 87 -8.16 10.61 2.77
CA THR A 87 -8.15 10.59 2.80
C THR A 87 -7.02 10.88 3.77
C THR A 87 -6.98 10.87 3.75
N ASP A 88 -6.63 12.15 3.92
CA ASP A 88 -5.53 12.51 4.81
C ASP A 88 -5.98 12.30 6.25
N GLU A 89 -7.24 12.62 6.54
CA GLU A 89 -7.79 12.46 7.86
C GLU A 89 -7.88 10.98 8.24
N VAL A 90 -8.31 10.14 7.30
CA VAL A 90 -8.33 8.70 7.55
C VAL A 90 -6.93 8.17 7.90
N SER A 91 -5.93 8.59 7.13
CA SER A 91 -4.56 8.14 7.36
C SER A 91 -4.06 8.61 8.73
N LEU A 92 -4.43 9.84 9.09
CA LEU A 92 -3.98 10.42 10.37
C LEU A 92 -4.62 9.74 11.58
N LEU A 93 -5.92 9.43 11.46
CA LEU A 93 -6.62 8.79 12.57
C LEU A 93 -6.30 7.32 12.64
N ALA A 94 -5.98 6.72 11.49
CA ALA A 94 -5.54 5.29 11.48
C ALA A 94 -4.20 5.17 12.21
N GLU A 95 -3.34 6.14 11.95
CA GLU A 95 -2.10 6.36 12.69
C GLU A 95 -2.33 6.44 14.21
N LYS A 96 -3.14 7.40 14.61
CA LYS A 96 -3.49 7.63 16.03
C LYS A 96 -4.08 6.39 16.70
N HIS A 97 -4.90 5.62 15.99
CA HIS A 97 -5.60 4.50 16.62
C HIS A 97 -5.05 3.13 16.21
N ASP A 98 -3.90 3.10 15.56
CA ASP A 98 -3.27 1.85 15.11
C ASP A 98 -4.13 0.97 14.23
N LEU A 99 -4.77 1.59 13.25
CA LEU A 99 -5.61 0.86 12.30
C LEU A 99 -4.83 0.76 11.00
N ASP A 100 -5.10 -0.32 10.26
CA ASP A 100 -4.53 -0.56 8.93
C ASP A 100 -5.53 -0.19 7.84
N VAL A 101 -5.21 0.85 7.09
CA VAL A 101 -6.09 1.38 6.05
C VAL A 101 -6.32 0.33 4.96
N HIS A 102 -5.28 -0.45 4.62
CA HIS A 102 -5.45 -1.49 3.58
C HIS A 102 -6.45 -2.60 3.97
N LYS A 103 -6.80 -2.69 5.26
CA LYS A 103 -7.77 -3.68 5.73
C LYS A 103 -9.17 -3.08 5.87
N MET A 104 -9.25 -1.77 5.71
CA MET A 104 -10.46 -1.01 5.99
C MET A 104 -11.67 -1.39 5.12
N ILE A 105 -12.81 -1.49 5.78
CA ILE A 105 -14.09 -1.76 5.14
C ILE A 105 -14.90 -0.47 5.29
N ALA A 106 -15.17 0.20 4.18
CA ALA A 106 -16.01 1.40 4.21
C ALA A 106 -17.44 1.00 4.19
N ILE A 107 -18.22 1.61 5.10
CA ILE A 107 -19.67 1.42 5.18
C ILE A 107 -20.27 2.81 5.13
N GLY A 108 -21.00 3.10 4.06
CA GLY A 108 -21.56 4.43 3.88
C GLY A 108 -23.02 4.34 3.52
N TYR A 109 -23.74 5.41 3.78
CA TYR A 109 -25.13 5.50 3.40
C TYR A 109 -25.31 6.81 2.62
N SER A 110 -25.86 6.72 1.41
CA SER A 110 -26.19 7.92 0.60
C SER A 110 -24.98 8.86 0.39
N ASN A 111 -25.04 10.11 0.84
CA ASN A 111 -23.86 11.01 0.73
C ASN A 111 -22.51 10.34 1.11
N GLY A 112 -22.42 9.74 2.29
CA GLY A 112 -21.16 9.05 2.70
C GLY A 112 -20.75 7.90 1.76
N ALA A 113 -21.73 7.13 1.30
CA ALA A 113 -21.47 6.01 0.40
C ALA A 113 -20.88 6.52 -0.94
N ASN A 114 -21.42 7.64 -1.41
CA ASN A 114 -20.99 8.28 -2.66
C ASN A 114 -19.56 8.73 -2.61
N VAL A 115 -19.19 9.28 -1.47
N VAL A 115 -19.16 9.32 -1.48
CA VAL A 115 -17.85 9.80 -1.22
CA VAL A 115 -17.78 9.78 -1.36
C VAL A 115 -16.84 8.68 -1.13
C VAL A 115 -16.83 8.60 -1.22
N ALA A 116 -17.22 7.60 -0.42
CA ALA A 116 -16.38 6.37 -0.31
C ALA A 116 -16.10 5.75 -1.70
N LEU A 117 -17.18 5.64 -2.46
CA LEU A 117 -17.13 5.07 -3.80
C LEU A 117 -16.29 5.93 -4.74
N ASN A 118 -16.43 7.24 -4.62
CA ASN A 118 -15.61 8.13 -5.42
C ASN A 118 -14.10 8.08 -5.07
N MET A 119 -13.78 8.10 -3.77
CA MET A 119 -12.39 7.95 -3.30
C MET A 119 -11.74 6.65 -3.80
N PHE A 120 -12.52 5.58 -3.79
CA PHE A 120 -12.07 4.23 -4.18
C PHE A 120 -11.73 4.26 -5.67
N LEU A 121 -12.68 4.79 -6.44
CA LEU A 121 -12.56 4.83 -7.90
C LEU A 121 -11.47 5.82 -8.38
N ARG A 122 -11.24 6.86 -7.60
CA ARG A 122 -10.19 7.82 -7.89
C ARG A 122 -8.84 7.34 -7.39
N GLY A 123 -8.81 6.22 -6.64
CA GLY A 123 -7.57 5.70 -6.04
C GLY A 123 -6.97 6.54 -4.91
N LYS A 124 -7.82 7.29 -4.21
CA LYS A 124 -7.34 8.11 -3.10
C LYS A 124 -7.21 7.31 -1.79
N ILE A 125 -8.02 6.26 -1.64
CA ILE A 125 -7.91 5.33 -0.51
C ILE A 125 -8.01 3.88 -1.03
N ASN A 126 -7.09 3.03 -0.57
CA ASN A 126 -7.09 1.61 -0.90
C ASN A 126 -7.89 0.80 0.13
N PHE A 127 -9.21 1.04 0.18
CA PHE A 127 -10.10 0.20 1.02
C PHE A 127 -10.00 -1.27 0.59
N ASP A 128 -10.16 -2.18 1.55
CA ASP A 128 -10.23 -3.59 1.22
C ASP A 128 -11.59 -3.95 0.60
N LYS A 129 -12.67 -3.42 1.20
CA LYS A 129 -14.05 -3.65 0.73
C LYS A 129 -14.87 -2.39 0.93
N ILE A 130 -16.00 -2.29 0.21
CA ILE A 130 -16.97 -1.21 0.41
C ILE A 130 -18.37 -1.78 0.49
N ILE A 131 -19.14 -1.29 1.45
CA ILE A 131 -20.56 -1.56 1.55
C ILE A 131 -21.20 -0.18 1.37
N ALA A 132 -21.89 -0.01 0.24
CA ALA A 132 -22.49 1.32 -0.09
C ALA A 132 -24.00 1.19 -0.14
N PHE A 133 -24.70 1.76 0.83
CA PHE A 133 -26.17 1.76 0.80
C PHE A 133 -26.71 2.97 0.07
N HIS A 134 -27.45 2.70 -1.00
CA HIS A 134 -28.08 3.74 -1.82
C HIS A 134 -27.09 4.78 -2.35
N GLY A 135 -25.99 4.26 -2.90
CA GLY A 135 -24.97 5.06 -3.53
C GLY A 135 -25.26 5.34 -5.01
N MET A 136 -24.44 6.22 -5.59
CA MET A 136 -24.59 6.63 -6.96
C MET A 136 -23.28 7.12 -7.51
N GLN A 137 -23.22 7.29 -8.84
CA GLN A 137 -22.07 7.94 -9.46
C GLN A 137 -22.16 9.48 -9.27
N LEU A 138 -21.09 10.10 -8.76
CA LEU A 138 -21.00 11.56 -8.61
C LEU A 138 -20.46 12.29 -9.87
N GLU A 139 -19.54 11.65 -10.58
CA GLU A 139 -18.90 12.23 -11.75
C GLU A 139 -18.44 11.14 -12.72
N ASP A 140 -18.32 11.50 -13.99
CA ASP A 140 -17.74 10.59 -14.99
C ASP A 140 -16.31 11.06 -15.22
N PHE A 141 -15.35 10.13 -15.19
CA PHE A 141 -13.93 10.44 -15.40
C PHE A 141 -13.17 9.21 -15.88
N GLU A 142 -11.89 9.38 -16.24
CA GLU A 142 -11.01 8.27 -16.58
C GLU A 142 -10.40 7.66 -15.32
N GLN A 143 -10.89 6.48 -14.96
CA GLN A 143 -10.36 5.72 -13.81
C GLN A 143 -9.07 5.04 -14.22
N THR A 144 -7.97 5.38 -13.56
CA THR A 144 -6.70 4.69 -13.74
C THR A 144 -6.46 3.81 -12.51
N VAL A 145 -7.53 3.30 -11.92
N VAL A 145 -7.50 3.19 -11.99
CA VAL A 145 -7.40 2.32 -10.86
CA VAL A 145 -7.36 2.36 -10.81
C VAL A 145 -7.69 0.94 -11.39
C VAL A 145 -7.82 0.94 -11.10
N GLN A 146 -6.94 -0.01 -10.86
CA GLN A 146 -7.22 -1.40 -11.09
C GLN A 146 -7.65 -1.92 -9.74
N LEU A 147 -8.84 -2.50 -9.72
CA LEU A 147 -9.45 -2.99 -8.48
C LEU A 147 -9.89 -4.45 -8.67
N ASP A 148 -9.07 -5.21 -9.38
CA ASP A 148 -9.51 -6.52 -9.90
C ASP A 148 -9.83 -7.54 -8.80
N ASP A 149 -9.25 -7.39 -7.62
CA ASP A 149 -9.42 -8.37 -6.53
C ASP A 149 -10.51 -7.96 -5.51
N LYS A 150 -11.09 -6.78 -5.68
CA LYS A 150 -11.90 -6.15 -4.64
C LYS A 150 -13.36 -6.60 -4.66
N HIS A 151 -13.99 -6.61 -3.49
CA HIS A 151 -15.38 -7.00 -3.35
C HIS A 151 -16.15 -5.81 -2.80
N VAL A 152 -17.31 -5.55 -3.40
CA VAL A 152 -18.06 -4.35 -3.09
C VAL A 152 -19.54 -4.73 -3.05
N PHE A 153 -20.25 -4.26 -2.02
CA PHE A 153 -21.71 -4.49 -1.86
C PHE A 153 -22.43 -3.16 -2.13
N LEU A 154 -23.47 -3.19 -2.98
CA LEU A 154 -24.25 -2.00 -3.31
C LEU A 154 -25.70 -2.30 -3.16
N SER A 155 -26.44 -1.38 -2.57
CA SER A 155 -27.92 -1.51 -2.62
C SER A 155 -28.49 -0.45 -3.57
N TYR A 156 -29.70 -0.75 -4.10
CA TYR A 156 -30.39 0.15 -4.97
C TYR A 156 -31.89 -0.10 -4.76
N ALA A 157 -32.72 0.94 -4.83
CA ALA A 157 -34.17 0.69 -4.95
C ALA A 157 -34.70 1.28 -6.26
N PRO A 158 -35.61 0.61 -6.97
CA PRO A 158 -36.04 1.18 -8.25
C PRO A 158 -37.09 2.30 -8.04
N ASN A 159 -37.55 2.50 -6.81
CA ASN A 159 -38.38 3.65 -6.50
C ASN A 159 -37.61 4.78 -5.79
N ASP A 160 -36.28 4.71 -5.83
CA ASP A 160 -35.46 5.78 -5.30
C ASP A 160 -35.48 6.98 -6.25
N MET A 161 -36.15 8.06 -5.85
CA MET A 161 -36.21 9.26 -6.68
C MET A 161 -34.83 9.89 -6.83
N ILE A 162 -33.95 9.64 -5.86
CA ILE A 162 -32.67 10.33 -5.80
C ILE A 162 -31.62 9.70 -6.72
N VAL A 163 -31.69 8.39 -6.91
CA VAL A 163 -30.71 7.71 -7.74
C VAL A 163 -31.41 7.19 -9.00
N PRO A 164 -31.17 7.85 -10.14
CA PRO A 164 -31.63 7.38 -11.44
C PRO A 164 -31.07 6.00 -11.77
N GLN A 165 -31.88 5.19 -12.46
CA GLN A 165 -31.43 3.89 -12.94
C GLN A 165 -30.15 3.99 -13.77
N LYS A 166 -30.13 4.94 -14.71
CA LYS A 166 -28.96 5.07 -15.60
C LYS A 166 -27.75 5.38 -14.77
N ASN A 167 -27.92 6.27 -13.79
CA ASN A 167 -26.83 6.64 -12.92
C ASN A 167 -26.28 5.43 -12.16
N PHE A 168 -27.16 4.65 -11.53
CA PHE A 168 -26.71 3.42 -10.87
C PHE A 168 -26.01 2.42 -11.83
N GLY A 169 -26.51 2.29 -13.07
CA GLY A 169 -25.82 1.51 -14.12
C GLY A 169 -24.40 1.97 -14.42
N ASP A 170 -24.20 3.29 -14.41
CA ASP A 170 -22.86 3.86 -14.60
C ASP A 170 -21.94 3.59 -13.42
N LEU A 171 -22.47 3.69 -12.20
CA LEU A 171 -21.68 3.33 -11.03
C LEU A 171 -21.22 1.86 -11.07
N LYS A 172 -22.15 0.95 -11.35
CA LYS A 172 -21.82 -0.48 -11.41
C LYS A 172 -20.77 -0.73 -12.52
N GLY A 173 -21.02 -0.09 -13.65
CA GLY A 173 -20.12 -0.18 -14.83
C GLY A 173 -18.73 0.32 -14.51
N ASP A 174 -18.61 1.49 -13.85
CA ASP A 174 -17.28 1.97 -13.46
C ASP A 174 -16.56 0.98 -12.55
N LEU A 175 -17.27 0.46 -11.55
CA LEU A 175 -16.67 -0.56 -10.67
C LEU A 175 -16.27 -1.86 -11.40
N GLU A 176 -17.15 -2.36 -12.25
CA GLU A 176 -16.86 -3.60 -12.98
C GLU A 176 -15.76 -3.42 -14.04
N ASP A 177 -15.76 -2.26 -14.69
CA ASP A 177 -14.65 -1.90 -15.58
C ASP A 177 -13.29 -1.86 -14.88
N SER A 178 -13.30 -1.53 -13.58
N SER A 178 -13.28 -1.54 -13.59
CA SER A 178 -12.07 -1.53 -12.77
CA SER A 178 -12.04 -1.55 -12.81
C SER A 178 -11.70 -2.93 -12.28
C SER A 178 -11.73 -2.91 -12.21
N GLY A 179 -12.63 -3.86 -12.43
CA GLY A 179 -12.39 -5.24 -12.05
C GLY A 179 -13.08 -5.71 -10.80
N CYS A 180 -13.88 -4.86 -10.15
CA CYS A 180 -14.56 -5.26 -8.89
C CYS A 180 -15.55 -6.40 -9.04
N GLN A 181 -15.67 -7.19 -7.97
CA GLN A 181 -16.68 -8.23 -7.88
C GLN A 181 -17.82 -7.61 -7.06
N LEU A 182 -18.98 -7.45 -7.67
CA LEU A 182 -20.10 -6.75 -7.05
C LEU A 182 -21.18 -7.67 -6.57
N GLU A 183 -21.74 -7.34 -5.42
CA GLU A 183 -23.02 -7.87 -4.99
C GLU A 183 -24.02 -6.73 -4.98
N ILE A 184 -25.14 -6.91 -5.68
CA ILE A 184 -26.19 -5.90 -5.73
C ILE A 184 -27.42 -6.35 -4.96
N TYR A 185 -27.83 -5.56 -3.97
CA TYR A 185 -29.05 -5.84 -3.21
C TYR A 185 -30.15 -4.84 -3.59
N GLU A 186 -31.33 -5.36 -3.93
CA GLU A 186 -32.46 -4.51 -4.37
C GLU A 186 -33.44 -4.35 -3.19
N SER A 187 -33.57 -3.12 -2.67
CA SER A 187 -34.55 -2.80 -1.59
C SER A 187 -35.82 -2.17 -2.18
N SER A 188 -36.85 -1.97 -1.35
N SER A 188 -36.84 -1.96 -1.35
CA SER A 188 -38.15 -1.52 -1.88
CA SER A 188 -38.16 -1.53 -1.86
C SER A 188 -38.68 -0.27 -1.18
C SER A 188 -38.64 -0.18 -1.32
N LEU A 189 -37.81 0.46 -0.49
CA LEU A 189 -38.24 1.68 0.18
C LEU A 189 -37.60 2.97 -0.35
N GLY A 190 -37.41 3.06 -1.66
CA GLY A 190 -36.76 4.25 -2.21
C GLY A 190 -35.39 4.50 -1.58
N HIS A 191 -35.06 5.76 -1.28
CA HIS A 191 -33.73 6.12 -0.75
C HIS A 191 -33.51 5.68 0.70
N GLN A 192 -34.59 5.26 1.36
CA GLN A 192 -34.49 4.88 2.78
C GLN A 192 -33.66 3.63 3.04
N LEU A 193 -32.75 3.69 4.01
CA LEU A 193 -32.01 2.51 4.46
C LEU A 193 -32.94 1.48 5.15
N THR A 194 -32.94 0.23 4.69
CA THR A 194 -33.85 -0.77 5.24
C THR A 194 -33.14 -1.81 6.08
N GLN A 195 -33.89 -2.36 7.04
CA GLN A 195 -33.36 -3.43 7.89
C GLN A 195 -32.88 -4.60 7.05
N GLU A 196 -33.59 -4.88 5.96
CA GLU A 196 -33.30 -6.03 5.12
C GLU A 196 -31.99 -5.82 4.35
N GLU A 197 -31.73 -4.60 3.91
CA GLU A 197 -30.46 -4.43 3.18
C GLU A 197 -29.26 -4.52 4.11
N VAL A 198 -29.42 -4.07 5.36
CA VAL A 198 -28.38 -4.23 6.37
C VAL A 198 -28.08 -5.72 6.72
N LEU A 199 -29.12 -6.52 6.87
CA LEU A 199 -28.90 -7.98 7.04
C LEU A 199 -28.23 -8.63 5.81
N ALA A 200 -28.59 -8.17 4.62
CA ALA A 200 -27.99 -8.66 3.39
C ALA A 200 -26.48 -8.37 3.38
N ALA A 201 -26.12 -7.17 3.85
CA ALA A 201 -24.70 -6.77 3.90
C ALA A 201 -23.93 -7.57 4.96
N LYS A 202 -24.56 -7.77 6.13
CA LYS A 202 -24.06 -8.67 7.17
C LYS A 202 -23.75 -10.07 6.63
N LYS A 203 -24.71 -10.62 5.90
CA LYS A 203 -24.54 -11.95 5.31
C LYS A 203 -23.41 -11.95 4.27
N TRP A 204 -23.43 -10.95 3.40
CA TRP A 204 -22.38 -10.80 2.39
C TRP A 204 -20.99 -10.70 3.02
N LEU A 205 -20.86 -9.91 4.08
CA LEU A 205 -19.56 -9.81 4.75
C LEU A 205 -19.06 -11.15 5.30
N THR A 206 -19.93 -11.96 5.91
CA THR A 206 -19.57 -13.35 6.34
C THR A 206 -19.05 -14.23 5.19
N GLU A 207 -19.56 -13.99 3.98
CA GLU A 207 -19.15 -14.74 2.80
C GLU A 207 -17.85 -14.24 2.22
N THR A 208 -17.63 -12.93 2.27
N THR A 208 -17.59 -12.95 2.39
CA THR A 208 -16.44 -12.33 1.62
CA THR A 208 -16.52 -12.31 1.64
C THR A 208 -15.29 -12.03 2.58
C THR A 208 -15.41 -11.75 2.54
N LYS A 209 -15.62 -11.84 3.86
CA LYS A 209 -14.66 -11.35 4.87
C LYS A 209 -13.28 -11.97 4.70
N MET B 4 2.15 -17.24 6.14
CA MET B 4 3.11 -16.81 7.17
C MET B 4 4.37 -16.08 6.59
N THR B 5 4.16 -15.04 5.77
CA THR B 5 5.28 -14.13 5.41
C THR B 5 5.48 -13.17 6.57
N ASP B 6 6.72 -12.94 6.97
CA ASP B 6 6.99 -11.94 7.99
C ASP B 6 7.45 -10.67 7.30
N TYR B 7 6.68 -9.60 7.46
CA TYR B 7 7.02 -8.33 6.83
C TYR B 7 6.49 -7.19 7.66
N VAL B 8 7.04 -6.01 7.40
CA VAL B 8 6.59 -4.74 7.98
C VAL B 8 6.19 -3.81 6.85
N PHE B 9 5.01 -3.18 6.97
CA PHE B 9 4.67 -2.04 6.11
C PHE B 9 4.50 -0.78 6.96
N LYS B 10 5.13 0.33 6.56
CA LYS B 10 4.92 1.63 7.22
C LYS B 10 4.49 2.66 6.19
N ALA B 11 3.32 3.25 6.40
CA ALA B 11 2.76 4.20 5.43
C ALA B 11 3.65 5.44 5.35
N GLY B 12 3.67 6.06 4.17
CA GLY B 12 4.36 7.33 4.02
C GLY B 12 3.58 8.21 3.09
N ARG B 13 4.24 9.23 2.58
CA ARG B 13 3.63 10.12 1.62
C ARG B 13 3.51 9.44 0.30
N LYS B 14 2.29 9.48 -0.23
CA LYS B 14 1.94 8.73 -1.44
C LYS B 14 2.79 9.02 -2.66
N ASP B 15 3.26 10.26 -2.78
CA ASP B 15 4.04 10.65 -3.92
C ASP B 15 5.51 10.23 -3.82
N LEU B 16 5.96 9.81 -2.62
CA LEU B 16 7.39 9.48 -2.42
C LEU B 16 7.67 8.02 -2.76
N ALA B 17 8.84 7.76 -3.37
CA ALA B 17 9.24 6.41 -3.79
C ALA B 17 9.21 5.43 -2.62
N PRO B 18 8.57 4.26 -2.79
CA PRO B 18 8.54 3.28 -1.70
C PRO B 18 9.91 2.64 -1.53
N LEU B 19 10.23 2.25 -0.29
CA LEU B 19 11.49 1.63 0.01
C LEU B 19 11.24 0.13 0.22
N LEU B 20 12.07 -0.72 -0.41
CA LEU B 20 12.03 -2.16 -0.13
C LEU B 20 13.26 -2.45 0.71
N LEU B 21 13.06 -2.95 1.93
CA LEU B 21 14.18 -3.21 2.86
C LEU B 21 14.54 -4.68 2.94
N LEU B 22 15.82 -4.97 2.84
CA LEU B 22 16.31 -6.35 2.90
C LEU B 22 17.47 -6.48 3.89
N HIS B 23 17.29 -7.31 4.92
CA HIS B 23 18.17 -7.35 6.10
C HIS B 23 19.49 -8.15 5.88
N SER B 24 20.44 -7.97 6.81
CA SER B 24 21.69 -8.76 6.76
C SER B 24 21.45 -10.18 7.26
N THR B 25 22.47 -11.05 7.16
CA THR B 25 22.39 -12.37 7.79
C THR B 25 22.13 -12.22 9.29
N GLY B 26 21.14 -12.93 9.81
CA GLY B 26 20.79 -12.83 11.22
C GLY B 26 19.85 -11.68 11.55
N GLY B 27 19.53 -10.85 10.56
CA GLY B 27 18.64 -9.72 10.78
C GLY B 27 17.20 -10.17 10.62
N ASP B 28 16.29 -9.22 10.64
CA ASP B 28 14.88 -9.50 10.40
C ASP B 28 14.23 -8.28 9.78
N GLU B 29 12.90 -8.32 9.65
CA GLU B 29 12.18 -7.33 8.89
C GLU B 29 12.16 -5.96 9.58
N HIS B 30 12.51 -5.93 10.86
CA HIS B 30 12.64 -4.65 11.58
C HIS B 30 14.05 -4.06 11.56
N GLN B 31 15.02 -4.83 11.12
CA GLN B 31 16.41 -4.41 11.24
C GLN B 31 16.69 -3.02 10.65
N LEU B 32 16.26 -2.78 9.43
CA LEU B 32 16.65 -1.56 8.70
C LEU B 32 15.61 -0.45 8.73
N VAL B 33 14.56 -0.61 9.51
CA VAL B 33 13.45 0.33 9.46
C VAL B 33 13.85 1.75 9.88
N GLU B 34 14.51 1.88 11.03
CA GLU B 34 14.94 3.23 11.48
C GLU B 34 16.02 3.82 10.57
N ILE B 35 16.88 2.94 10.06
N ILE B 35 16.88 2.98 10.01
CA ILE B 35 17.89 3.27 9.04
CA ILE B 35 17.88 3.47 9.07
C ILE B 35 17.22 3.92 7.82
C ILE B 35 17.24 3.94 7.76
N ALA B 36 16.25 3.21 7.27
CA ALA B 36 15.49 3.63 6.07
C ALA B 36 14.80 4.96 6.28
N GLU B 37 14.20 5.12 7.47
CA GLU B 37 13.57 6.38 7.87
C GLU B 37 14.53 7.57 7.85
N MET B 38 15.79 7.35 8.21
N MET B 38 15.78 7.32 8.25
CA MET B 38 16.76 8.43 8.16
CA MET B 38 16.86 8.32 8.19
C MET B 38 17.20 8.70 6.73
C MET B 38 17.15 8.67 6.74
N ILE B 39 17.38 7.64 5.94
CA ILE B 39 17.82 7.81 4.53
C ILE B 39 16.81 8.57 3.67
N ALA B 40 15.52 8.27 3.87
CA ALA B 40 14.45 8.68 2.98
C ALA B 40 13.22 9.04 3.82
N PRO B 41 13.25 10.22 4.50
CA PRO B 41 12.16 10.64 5.40
C PRO B 41 10.80 10.68 4.70
N SER B 42 9.80 10.11 5.35
CA SER B 42 8.41 10.11 4.89
C SER B 42 8.13 9.18 3.72
N HIS B 43 9.14 8.47 3.19
CA HIS B 43 8.87 7.46 2.15
C HIS B 43 8.16 6.24 2.73
N PRO B 44 7.18 5.66 2.00
CA PRO B 44 6.57 4.39 2.48
C PRO B 44 7.62 3.29 2.56
N ILE B 45 7.44 2.38 3.51
CA ILE B 45 8.43 1.33 3.76
C ILE B 45 7.78 -0.05 3.64
N LEU B 46 8.40 -0.91 2.86
CA LEU B 46 8.08 -2.35 2.86
C LEU B 46 9.37 -3.15 3.14
N SER B 47 9.29 -4.01 4.14
CA SER B 47 10.43 -4.72 4.65
C SER B 47 10.09 -6.20 4.80
N ILE B 48 10.77 -7.06 4.05
CA ILE B 48 10.40 -8.48 3.98
C ILE B 48 11.53 -9.40 4.50
N ARG B 49 11.20 -10.26 5.46
CA ARG B 49 12.17 -11.22 6.04
C ARG B 49 12.50 -12.37 5.06
N GLY B 50 13.77 -12.79 5.01
CA GLY B 50 14.16 -13.96 4.23
C GLY B 50 13.51 -15.21 4.82
N ARG B 51 13.37 -16.24 4.01
CA ARG B 51 12.70 -17.48 4.44
C ARG B 51 13.63 -18.53 5.01
N ILE B 52 14.94 -18.35 4.83
CA ILE B 52 15.90 -19.33 5.33
C ILE B 52 16.25 -19.04 6.80
N ASN B 53 16.23 -20.07 7.63
CA ASN B 53 16.62 -19.91 9.04
C ASN B 53 17.29 -21.15 9.56
N GLU B 54 18.22 -21.68 8.76
CA GLU B 54 19.09 -22.78 9.15
C GLU B 54 20.00 -22.39 10.31
N GLN B 55 19.95 -23.21 11.36
CA GLN B 55 20.57 -22.93 12.66
C GLN B 55 19.94 -21.68 13.33
N GLY B 56 18.70 -21.35 12.97
CA GLY B 56 17.99 -20.15 13.53
C GLY B 56 18.52 -18.78 13.08
N VAL B 57 19.43 -18.76 12.12
CA VAL B 57 19.97 -17.50 11.59
C VAL B 57 19.21 -17.10 10.32
N ASN B 58 18.51 -15.97 10.36
CA ASN B 58 17.71 -15.52 9.18
C ASN B 58 18.60 -15.16 7.98
N ARG B 59 18.24 -15.67 6.81
CA ARG B 59 18.95 -15.41 5.56
C ARG B 59 17.97 -15.44 4.40
N TYR B 60 18.41 -14.89 3.27
CA TYR B 60 17.59 -14.94 2.04
C TYR B 60 17.77 -16.21 1.18
N PHE B 61 18.90 -16.90 1.32
CA PHE B 61 19.17 -18.10 0.53
C PHE B 61 20.22 -18.93 1.30
N LYS B 62 20.28 -20.22 0.98
CA LYS B 62 21.19 -21.19 1.64
C LYS B 62 22.66 -21.06 1.26
N LEU B 63 23.51 -21.46 2.20
CA LEU B 63 24.93 -21.61 1.93
C LEU B 63 25.20 -23.10 1.68
N ARG B 64 26.36 -23.43 1.13
CA ARG B 64 26.68 -24.85 0.84
C ARG B 64 27.51 -25.54 1.92
N GLY B 65 27.87 -24.83 2.99
CA GLY B 65 28.72 -25.42 4.06
C GLY B 65 30.21 -25.34 3.76
N LEU B 66 30.59 -24.37 2.94
CA LEU B 66 31.98 -24.17 2.53
C LEU B 66 32.43 -22.77 2.91
N GLY B 67 32.52 -22.51 4.21
CA GLY B 67 32.77 -21.19 4.74
C GLY B 67 34.15 -20.64 4.51
N GLY B 68 35.08 -21.47 4.05
CA GLY B 68 36.36 -20.99 3.54
C GLY B 68 36.29 -20.32 2.16
N PHE B 69 35.13 -20.38 1.51
CA PHE B 69 34.95 -19.88 0.14
C PHE B 69 33.94 -18.75 0.10
N THR B 70 34.01 -17.97 -0.97
CA THR B 70 33.06 -16.91 -1.19
C THR B 70 31.97 -17.37 -2.18
N LYS B 71 32.16 -17.24 -3.49
CA LYS B 71 31.07 -17.57 -4.41
C LYS B 71 30.72 -19.05 -4.36
N GLU B 72 31.72 -19.91 -4.17
CA GLU B 72 31.48 -21.36 -4.07
C GLU B 72 30.54 -21.72 -2.92
N ASN B 73 30.42 -20.87 -1.90
CA ASN B 73 29.58 -21.22 -0.77
C ASN B 73 28.12 -20.80 -0.95
N PHE B 74 27.84 -20.11 -2.05
CA PHE B 74 26.45 -19.64 -2.29
C PHE B 74 25.65 -20.66 -3.05
N ASP B 75 24.60 -21.20 -2.45
CA ASP B 75 23.74 -22.18 -3.12
C ASP B 75 22.88 -21.48 -4.19
N LEU B 76 23.33 -21.55 -5.44
CA LEU B 76 22.67 -20.88 -6.57
C LEU B 76 21.26 -21.38 -6.92
N GLU B 77 20.99 -22.65 -6.62
CA GLU B 77 19.63 -23.24 -6.70
C GLU B 77 18.68 -22.61 -5.67
N SER B 78 19.14 -22.50 -4.43
CA SER B 78 18.40 -21.78 -3.37
C SER B 78 18.22 -20.31 -3.78
N LEU B 79 19.31 -19.65 -4.16
CA LEU B 79 19.23 -18.24 -4.55
C LEU B 79 18.15 -18.01 -5.64
N ASP B 80 18.14 -18.89 -6.65
CA ASP B 80 17.17 -18.81 -7.75
C ASP B 80 15.72 -18.97 -7.25
N GLU B 81 15.47 -20.01 -6.46
CA GLU B 81 14.12 -20.28 -6.00
C GLU B 81 13.67 -19.18 -5.04
N GLU B 82 14.58 -18.73 -4.16
CA GLU B 82 14.21 -17.74 -3.14
C GLU B 82 13.96 -16.36 -3.74
N THR B 83 14.76 -16.01 -4.75
CA THR B 83 14.52 -14.75 -5.47
C THR B 83 13.29 -14.81 -6.35
N ASP B 84 12.88 -15.99 -6.82
CA ASP B 84 11.57 -16.08 -7.51
C ASP B 84 10.43 -15.84 -6.53
N TRP B 85 10.55 -16.43 -5.35
CA TRP B 85 9.57 -16.22 -4.31
C TRP B 85 9.52 -14.75 -3.90
N LEU B 86 10.69 -14.14 -3.77
CA LEU B 86 10.76 -12.76 -3.26
C LEU B 86 10.22 -11.75 -4.25
N THR B 87 10.52 -11.97 -5.52
N THR B 87 10.48 -11.93 -5.53
CA THR B 87 9.96 -11.19 -6.62
CA THR B 87 9.91 -11.02 -6.49
C THR B 87 8.44 -11.19 -6.53
C THR B 87 8.39 -11.17 -6.58
N ASP B 88 7.89 -12.39 -6.40
CA ASP B 88 6.45 -12.58 -6.35
C ASP B 88 5.88 -11.94 -5.12
N GLU B 89 6.59 -12.09 -3.99
CA GLU B 89 6.15 -11.50 -2.73
C GLU B 89 6.16 -9.98 -2.76
N VAL B 90 7.20 -9.39 -3.34
CA VAL B 90 7.25 -7.94 -3.51
C VAL B 90 6.04 -7.49 -4.35
N SER B 91 5.77 -8.17 -5.46
CA SER B 91 4.62 -7.79 -6.29
C SER B 91 3.28 -7.89 -5.56
N LEU B 92 3.10 -9.00 -4.85
CA LEU B 92 1.90 -9.20 -4.04
C LEU B 92 1.70 -8.13 -2.97
N LEU B 93 2.75 -7.87 -2.19
CA LEU B 93 2.67 -6.90 -1.12
C LEU B 93 2.57 -5.45 -1.63
N ALA B 94 3.26 -5.16 -2.74
CA ALA B 94 3.16 -3.83 -3.35
C ALA B 94 1.71 -3.56 -3.79
N GLU B 95 1.06 -4.55 -4.38
CA GLU B 95 -0.35 -4.38 -4.77
C GLU B 95 -1.25 -4.21 -3.55
N LYS B 96 -0.99 -4.98 -2.51
CA LYS B 96 -1.81 -4.93 -1.28
C LYS B 96 -1.76 -3.53 -0.65
N HIS B 97 -0.59 -2.91 -0.72
CA HIS B 97 -0.38 -1.62 -0.09
C HIS B 97 -0.31 -0.47 -1.09
N ASP B 98 -0.75 -0.72 -2.33
CA ASP B 98 -0.83 0.27 -3.40
C ASP B 98 0.49 1.04 -3.63
N LEU B 99 1.58 0.27 -3.70
CA LEU B 99 2.91 0.79 -4.01
C LEU B 99 3.32 0.44 -5.43
N ASP B 100 4.14 1.25 -6.05
CA ASP B 100 4.58 0.98 -7.42
C ASP B 100 5.98 0.43 -7.42
N VAL B 101 6.13 -0.80 -7.90
CA VAL B 101 7.41 -1.53 -7.86
C VAL B 101 8.47 -0.80 -8.69
N HIS B 102 8.04 -0.22 -9.82
CA HIS B 102 8.94 0.48 -10.72
C HIS B 102 9.44 1.80 -10.14
N LYS B 103 8.89 2.22 -9.00
CA LYS B 103 9.42 3.40 -8.30
C LYS B 103 10.26 3.06 -7.06
N MET B 104 10.34 1.76 -6.73
CA MET B 104 10.94 1.34 -5.50
C MET B 104 12.42 1.64 -5.42
N ILE B 105 12.88 1.93 -4.21
CA ILE B 105 14.30 2.04 -3.96
C ILE B 105 14.57 0.84 -3.08
N ALA B 106 15.38 -0.10 -3.53
CA ALA B 106 15.85 -1.18 -2.63
C ALA B 106 16.96 -0.68 -1.70
N ILE B 107 16.79 -0.94 -0.41
CA ILE B 107 17.86 -0.62 0.55
C ILE B 107 18.22 -1.93 1.23
N GLY B 108 19.46 -2.35 1.06
CA GLY B 108 19.86 -3.66 1.59
C GLY B 108 21.16 -3.53 2.33
N TYR B 109 21.40 -4.47 3.20
CA TYR B 109 22.67 -4.51 3.93
C TYR B 109 23.17 -5.97 3.87
N SER B 110 24.40 -6.18 3.43
CA SER B 110 25.04 -7.51 3.39
C SER B 110 24.16 -8.51 2.58
N ASN B 111 23.78 -9.66 3.17
CA ASN B 111 22.91 -10.64 2.50
C ASN B 111 21.76 -10.03 1.67
N GLY B 112 21.03 -9.09 2.29
CA GLY B 112 19.90 -8.42 1.63
C GLY B 112 20.31 -7.54 0.47
N ALA B 113 21.44 -6.84 0.63
CA ALA B 113 22.01 -6.07 -0.44
C ALA B 113 22.35 -7.00 -1.61
N ASN B 114 22.93 -8.18 -1.29
CA ASN B 114 23.39 -9.10 -2.33
C ASN B 114 22.22 -9.65 -3.15
N VAL B 115 21.11 -9.98 -2.48
N VAL B 115 21.13 -9.96 -2.48
CA VAL B 115 19.95 -10.50 -3.21
CA VAL B 115 19.96 -10.47 -3.17
C VAL B 115 19.22 -9.40 -4.01
C VAL B 115 19.31 -9.38 -4.03
N ALA B 116 19.22 -8.16 -3.49
CA ALA B 116 18.62 -7.02 -4.24
C ALA B 116 19.41 -6.78 -5.56
N LEU B 117 20.74 -6.72 -5.44
CA LEU B 117 21.63 -6.60 -6.59
C LEU B 117 21.47 -7.74 -7.59
N ASN B 118 21.41 -8.98 -7.09
CA ASN B 118 21.29 -10.14 -7.97
C ASN B 118 19.93 -10.15 -8.70
N MET B 119 18.85 -9.83 -7.96
CA MET B 119 17.51 -9.73 -8.58
C MET B 119 17.51 -8.65 -9.66
N PHE B 120 18.19 -7.55 -9.39
CA PHE B 120 18.32 -6.43 -10.31
C PHE B 120 19.07 -6.85 -11.58
N LEU B 121 20.21 -7.52 -11.40
CA LEU B 121 21.03 -7.93 -12.54
C LEU B 121 20.45 -9.11 -13.30
N ARG B 122 19.61 -9.89 -12.63
CA ARG B 122 18.91 -11.03 -13.29
C ARG B 122 17.61 -10.58 -13.95
N GLY B 123 17.27 -9.30 -13.77
CA GLY B 123 16.00 -8.72 -14.27
C GLY B 123 14.73 -9.20 -13.58
N LYS B 124 14.85 -9.72 -12.36
CA LYS B 124 13.64 -10.19 -11.64
C LYS B 124 12.78 -9.05 -11.13
N ILE B 125 13.41 -7.96 -10.68
CA ILE B 125 12.68 -6.79 -10.19
C ILE B 125 13.27 -5.54 -10.81
N ASN B 126 12.42 -4.71 -11.40
CA ASN B 126 12.86 -3.48 -12.06
C ASN B 126 12.85 -2.29 -11.07
N PHE B 127 13.73 -2.34 -10.06
CA PHE B 127 13.89 -1.25 -9.08
C PHE B 127 14.22 0.04 -9.80
N ASP B 128 13.78 1.16 -9.24
CA ASP B 128 14.19 2.45 -9.76
C ASP B 128 15.64 2.80 -9.34
N LYS B 129 16.00 2.56 -8.08
CA LYS B 129 17.34 2.77 -7.57
C LYS B 129 17.65 1.67 -6.56
N ILE B 130 18.93 1.49 -6.29
CA ILE B 130 19.39 0.58 -5.25
C ILE B 130 20.39 1.28 -4.36
N ILE B 131 20.23 1.07 -3.04
CA ILE B 131 21.21 1.46 -2.05
C ILE B 131 21.69 0.16 -1.39
N ALA B 132 22.92 -0.24 -1.71
CA ALA B 132 23.46 -1.55 -1.26
C ALA B 132 24.65 -1.31 -0.34
N PHE B 133 24.49 -1.60 0.95
CA PHE B 133 25.57 -1.44 1.90
C PHE B 133 26.33 -2.73 2.06
N HIS B 134 27.64 -2.68 1.76
CA HIS B 134 28.50 -3.85 1.87
C HIS B 134 28.01 -5.04 1.06
N GLY B 135 27.64 -4.75 -0.17
CA GLY B 135 27.20 -5.76 -1.16
C GLY B 135 28.36 -6.43 -1.90
N MET B 136 28.03 -7.49 -2.65
CA MET B 136 29.05 -8.24 -3.38
C MET B 136 28.37 -8.97 -4.52
N GLN B 137 29.18 -9.52 -5.42
CA GLN B 137 28.68 -10.35 -6.50
C GLN B 137 28.45 -11.77 -6.00
N LEU B 138 27.26 -12.31 -6.24
CA LEU B 138 26.90 -13.67 -5.80
C LEU B 138 27.26 -14.72 -6.85
N GLU B 139 27.18 -14.32 -8.12
N GLU B 139 27.17 -14.34 -8.11
CA GLU B 139 27.43 -15.21 -9.25
CA GLU B 139 27.55 -15.22 -9.22
C GLU B 139 27.91 -14.40 -10.45
C GLU B 139 27.94 -14.39 -10.42
N ASP B 140 28.91 -14.90 -11.17
CA ASP B 140 29.30 -14.30 -12.42
C ASP B 140 28.44 -14.96 -13.52
N PHE B 141 27.74 -14.17 -14.32
CA PHE B 141 26.93 -14.71 -15.42
C PHE B 141 26.82 -13.67 -16.50
N GLU B 142 26.28 -14.09 -17.64
CA GLU B 142 25.99 -13.24 -18.79
C GLU B 142 24.71 -12.43 -18.53
N GLN B 143 24.86 -11.17 -18.13
CA GLN B 143 23.68 -10.32 -17.89
C GLN B 143 22.99 -10.00 -19.22
N THR B 144 21.67 -10.12 -19.24
CA THR B 144 20.83 -9.82 -20.41
C THR B 144 19.71 -8.86 -20.02
N VAL B 145 20.06 -7.80 -19.27
CA VAL B 145 19.12 -6.78 -18.81
C VAL B 145 19.52 -5.38 -19.20
N GLN B 146 18.54 -4.50 -19.34
CA GLN B 146 18.79 -3.14 -19.78
C GLN B 146 18.62 -2.20 -18.60
N LEU B 147 19.73 -1.79 -17.99
CA LEU B 147 19.66 -0.95 -16.78
C LEU B 147 20.22 0.46 -16.98
N ASP B 148 20.22 0.95 -18.22
CA ASP B 148 20.82 2.26 -18.51
C ASP B 148 20.25 3.34 -17.62
N ASP B 149 21.16 4.19 -17.13
CA ASP B 149 20.85 5.38 -16.33
C ASP B 149 20.35 5.09 -14.93
N LYS B 150 20.32 3.82 -14.52
CA LYS B 150 19.78 3.49 -13.17
C LYS B 150 20.80 3.92 -12.17
N HIS B 151 20.33 4.57 -11.09
CA HIS B 151 21.19 5.06 -10.03
C HIS B 151 21.37 4.06 -8.89
N VAL B 152 22.63 3.74 -8.61
CA VAL B 152 22.99 2.74 -7.61
C VAL B 152 24.06 3.28 -6.66
N PHE B 153 23.76 3.25 -5.37
CA PHE B 153 24.72 3.60 -4.34
C PHE B 153 25.28 2.30 -3.73
N LEU B 154 26.60 2.22 -3.65
CA LEU B 154 27.31 1.04 -3.09
C LEU B 154 28.32 1.48 -2.04
N SER B 155 28.35 0.78 -0.92
CA SER B 155 29.43 0.97 0.03
C SER B 155 30.38 -0.23 0.00
N TYR B 156 31.64 0.05 0.32
CA TYR B 156 32.69 -0.96 0.38
C TYR B 156 33.71 -0.54 1.46
N ALA B 157 34.24 -1.49 2.22
CA ALA B 157 35.36 -1.17 3.13
C ALA B 157 36.55 -2.03 2.74
N PRO B 158 37.75 -1.44 2.64
CA PRO B 158 38.93 -2.27 2.31
C PRO B 158 39.35 -3.26 3.38
N ASN B 159 38.90 -3.08 4.61
CA ASN B 159 39.16 -4.09 5.64
C ASN B 159 38.00 -5.07 5.89
N ASP B 160 37.09 -5.16 4.93
CA ASP B 160 35.97 -6.07 5.03
C ASP B 160 36.46 -7.47 4.71
N MET B 161 36.42 -8.34 5.70
CA MET B 161 36.93 -9.71 5.52
C MET B 161 35.98 -10.63 4.76
N ILE B 162 34.78 -10.16 4.48
CA ILE B 162 33.73 -10.95 3.87
C ILE B 162 33.71 -10.66 2.38
N VAL B 163 33.90 -9.39 2.03
CA VAL B 163 33.84 -8.99 0.63
C VAL B 163 35.27 -8.81 0.08
N PRO B 164 35.73 -9.76 -0.74
CA PRO B 164 37.04 -9.58 -1.42
C PRO B 164 37.04 -8.39 -2.39
N GLN B 165 38.17 -7.66 -2.45
CA GLN B 165 38.26 -6.45 -3.30
C GLN B 165 37.90 -6.75 -4.74
N LYS B 166 38.40 -7.88 -5.26
CA LYS B 166 38.18 -8.28 -6.63
C LYS B 166 36.70 -8.55 -6.93
N ASN B 167 36.00 -9.13 -5.95
CA ASN B 167 34.58 -9.41 -6.09
C ASN B 167 33.80 -8.09 -6.20
N PHE B 168 34.09 -7.14 -5.34
CA PHE B 168 33.42 -5.82 -5.43
C PHE B 168 33.72 -5.13 -6.77
N GLY B 169 34.98 -5.19 -7.23
CA GLY B 169 35.36 -4.73 -8.57
C GLY B 169 34.49 -5.38 -9.65
N ASP B 170 34.31 -6.69 -9.56
CA ASP B 170 33.44 -7.41 -10.52
C ASP B 170 31.96 -6.99 -10.43
N LEU B 171 31.47 -6.73 -9.21
CA LEU B 171 30.09 -6.24 -9.02
C LEU B 171 29.89 -4.91 -9.72
N LYS B 172 30.81 -3.97 -9.46
CA LYS B 172 30.76 -2.64 -10.07
C LYS B 172 30.80 -2.78 -11.61
N GLY B 173 31.68 -3.66 -12.10
CA GLY B 173 31.69 -3.99 -13.52
C GLY B 173 30.37 -4.51 -14.09
N ASP B 174 29.74 -5.46 -13.41
CA ASP B 174 28.43 -6.00 -13.86
C ASP B 174 27.40 -4.88 -13.92
N LEU B 175 27.38 -4.06 -12.87
CA LEU B 175 26.40 -2.96 -12.81
C LEU B 175 26.62 -1.94 -13.93
N GLU B 176 27.84 -1.43 -14.04
CA GLU B 176 28.19 -0.48 -15.11
C GLU B 176 27.94 -1.06 -16.50
N ASP B 177 28.31 -2.31 -16.72
CA ASP B 177 28.15 -2.91 -18.05
C ASP B 177 26.69 -3.08 -18.42
N SER B 178 25.80 -3.13 -17.42
CA SER B 178 24.36 -3.18 -17.68
C SER B 178 23.76 -1.77 -17.85
N GLY B 179 24.57 -0.74 -17.59
CA GLY B 179 24.15 0.63 -17.80
C GLY B 179 23.95 1.51 -16.57
N CYS B 180 24.23 0.99 -15.38
CA CYS B 180 23.99 1.73 -14.13
C CYS B 180 24.98 2.84 -13.90
N GLN B 181 24.53 3.92 -13.27
CA GLN B 181 25.47 4.94 -12.85
C GLN B 181 25.72 4.78 -11.34
N LEU B 182 26.99 4.72 -10.94
CA LEU B 182 27.35 4.31 -9.57
C LEU B 182 27.80 5.47 -8.70
N GLU B 183 27.45 5.41 -7.42
CA GLU B 183 28.13 6.22 -6.43
C GLU B 183 28.78 5.24 -5.47
N ILE B 184 30.10 5.34 -5.26
CA ILE B 184 30.80 4.45 -4.34
C ILE B 184 31.22 5.16 -3.06
N TYR B 185 30.81 4.60 -1.92
CA TYR B 185 31.19 5.17 -0.63
C TYR B 185 32.16 4.21 0.04
N GLU B 186 33.34 4.69 0.40
CA GLU B 186 34.32 3.85 1.10
C GLU B 186 34.28 4.07 2.62
N SER B 187 33.90 3.03 3.38
CA SER B 187 33.85 3.09 4.84
C SER B 187 35.06 2.38 5.45
N SER B 188 35.16 2.33 6.77
CA SER B 188 36.42 1.90 7.35
C SER B 188 36.32 0.87 8.47
N LEU B 189 35.11 0.38 8.70
CA LEU B 189 34.85 -0.58 9.76
C LEU B 189 34.54 -1.98 9.24
N GLY B 190 35.20 -2.38 8.16
CA GLY B 190 35.03 -3.73 7.63
C GLY B 190 33.57 -3.94 7.21
N HIS B 191 33.00 -5.09 7.57
CA HIS B 191 31.67 -5.43 7.07
C HIS B 191 30.50 -4.72 7.82
N GLN B 192 30.85 -3.98 8.86
CA GLN B 192 29.86 -3.30 9.70
C GLN B 192 29.24 -2.06 9.03
N LEU B 193 27.92 -1.94 9.13
CA LEU B 193 27.21 -0.77 8.66
C LEU B 193 27.59 0.42 9.54
N THR B 194 27.98 1.52 8.91
CA THR B 194 28.44 2.66 9.70
C THR B 194 27.44 3.79 9.59
N GLN B 195 27.43 4.65 10.60
CA GLN B 195 26.61 5.84 10.57
C GLN B 195 26.99 6.70 9.39
N GLU B 196 28.29 6.81 9.10
CA GLU B 196 28.74 7.66 8.00
C GLU B 196 28.24 7.23 6.64
N GLU B 197 28.23 5.93 6.36
CA GLU B 197 27.74 5.51 5.03
C GLU B 197 26.22 5.68 4.86
N VAL B 198 25.49 5.53 5.95
CA VAL B 198 24.05 5.79 5.96
C VAL B 198 23.75 7.27 5.68
N LEU B 199 24.45 8.17 6.39
CA LEU B 199 24.36 9.59 6.12
C LEU B 199 24.76 9.95 4.68
N ALA B 200 25.75 9.24 4.15
CA ALA B 200 26.20 9.48 2.79
C ALA B 200 25.13 9.07 1.78
N ALA B 201 24.45 7.94 2.07
CA ALA B 201 23.33 7.48 1.24
C ALA B 201 22.18 8.49 1.29
N LYS B 202 21.85 8.93 2.51
CA LYS B 202 20.84 9.98 2.73
C LYS B 202 21.11 11.21 1.89
N LYS B 203 22.37 11.68 1.93
CA LYS B 203 22.77 12.84 1.16
C LYS B 203 22.71 12.61 -0.34
N TRP B 204 23.22 11.47 -0.79
CA TRP B 204 23.14 11.08 -2.19
C TRP B 204 21.71 11.11 -2.71
N LEU B 205 20.77 10.58 -1.93
CA LEU B 205 19.38 10.57 -2.32
C LEU B 205 18.83 11.96 -2.53
N THR B 206 19.24 12.93 -1.71
CA THR B 206 18.71 14.30 -1.89
C THR B 206 19.09 14.92 -3.24
N GLU B 207 20.22 14.50 -3.80
CA GLU B 207 20.76 15.10 -5.02
C GLU B 207 20.56 14.24 -6.26
N THR B 208 19.92 13.08 -6.10
CA THR B 208 19.77 12.14 -7.21
C THR B 208 18.27 12.01 -7.55
N LYS B 209 17.90 12.31 -8.80
CA LYS B 209 16.48 12.22 -9.22
C LYS B 209 16.06 10.77 -9.45
C1 MLT C . -25.15 13.33 -2.58
O1 MLT C . -25.04 14.56 -2.33
O2 MLT C . -24.21 12.54 -2.31
C2 MLT C . -26.40 12.79 -3.23
O3 MLT C . -27.32 13.83 -3.55
C3 MLT C . -27.07 11.72 -2.37
C4 MLT C . -27.64 12.26 -1.07
O4 MLT C . -28.71 11.76 -0.66
O5 MLT C . -27.10 13.16 -0.38
C1 MLT D . 25.82 -13.67 1.66
O1 MLT D . 25.49 -14.83 1.98
O2 MLT D . 25.01 -12.89 1.10
C2 MLT D . 27.24 -13.23 1.93
O3 MLT D . 27.93 -14.23 2.65
C3 MLT D . 27.29 -11.90 2.66
C4 MLT D . 26.77 -12.02 4.08
O4 MLT D . 25.80 -12.77 4.39
O5 MLT D . 27.33 -11.33 4.95
#